data_7THR
#
_entry.id   7THR
#
_cell.length_a   1.00
_cell.length_b   1.00
_cell.length_c   1.00
_cell.angle_alpha   90.00
_cell.angle_beta   90.00
_cell.angle_gamma   90.00
#
_symmetry.space_group_name_H-M   'P 1'
#
loop_
_entity.id
_entity.type
_entity.pdbx_description
1 polymer Capsid
2 non-polymer 'MAGNESIUM ION'
3 water water
#
_entity_poly.entity_id   1
_entity_poly.type   'polypeptide(L)'
_entity_poly.pdbx_seq_one_letter_code
;TTDGYLPDWLEDNLSEGVREWWALQPGAPKPKANQQHQDNARGLVLPGYKYLGPGNGLDKGEPVNAADAAALEHDKAYDQ
QLKAGDNPYLKYNHADAEFQQRLQGDTSFGGNLGRAVFQAKKRVLEPLGLVEQAGETAPGKKRPLIESPQQPDSSTGIGK
KGKQPAKKKLVFEDETGAGDGPPEGSTSGAMSDDSEMRAAAGGAAVEGGQGADGVGNASGDWHCDSTWSEGHVTTTSTRT
WVLPTYNNHLYKRLGESLQSNTYNGFSTPWGYFDFNRFHCHFSPRDWQRLINNNWGMRPKAMRVKIFNIQVKEVTTSNGE
TTVANNLTSTVQIFADSSYELPYVMDAGQEGSLPPFPNDVFMVPQYGYCGLVTGNTSQQQTDRNAFYCLEYFPSQMLRTG
NNFEITYSFEKVPFHSMYAHSQSLDRLMNPLIDQYLWGLQSTTTGTTLNAGTATTNFTKLRPTNFSNFKKNWLPGPSIKQ
QGFSKTANQNYKIPATGSDSLIKYETHSTLDGRWSALTPGPPMATAGPADSKFSNSQLIFAGPKQNGNTATVPGTLIFTS
EEELAATNATDTDMWGNLPGGDQSNSNLPTVDRLTALGAVPGMVWQNRDIYYQGPIWAKIPHTDGHFHPSPLIGGFGLKH
PPPQIFIKNTPVPANPATTFSSTPVNSFITQYSTGQVSVQIDWEIQKERSKRWNPEVQFTSNYGQQNSLLWAPDAAGKYT
EPRAIGTRYLTHHL
;
_entity_poly.pdbx_strand_id   A
#
# COMPACT_ATOMS: atom_id res chain seq x y z
N GLY A 214 18.71 27.25 -22.06
CA GLY A 214 19.93 27.83 -21.43
C GLY A 214 19.73 28.25 -19.99
N VAL A 215 20.55 29.19 -19.52
CA VAL A 215 20.49 29.68 -18.15
C VAL A 215 19.25 30.54 -17.85
N GLY A 216 19.02 31.57 -18.66
CA GLY A 216 17.88 32.45 -18.43
C GLY A 216 16.58 32.09 -19.14
N ASN A 217 16.35 30.81 -19.36
CA ASN A 217 15.14 30.35 -20.03
C ASN A 217 14.61 29.10 -19.31
N ALA A 218 13.38 29.17 -18.80
CA ALA A 218 12.78 28.04 -18.10
C ALA A 218 12.70 26.81 -19.03
N SER A 219 12.99 25.64 -18.48
CA SER A 219 12.95 24.41 -19.27
C SER A 219 11.63 23.64 -19.12
N GLY A 220 10.61 24.31 -18.60
CA GLY A 220 9.31 23.68 -18.43
C GLY A 220 8.34 24.55 -17.65
N ASP A 221 7.06 24.26 -17.79
CA ASP A 221 6.03 25.02 -17.09
C ASP A 221 5.32 24.20 -16.01
N TRP A 222 4.56 24.89 -15.18
CA TRP A 222 3.81 24.26 -14.09
C TRP A 222 2.48 23.71 -14.58
N HIS A 223 2.16 22.47 -14.23
CA HIS A 223 0.90 21.86 -14.66
C HIS A 223 0.29 20.99 -13.57
N CYS A 224 -0.86 21.40 -13.04
CA CYS A 224 -1.53 20.64 -11.98
C CYS A 224 -3.04 20.49 -12.12
N ASP A 225 -3.53 20.06 -13.28
CA ASP A 225 -4.98 19.89 -13.40
C ASP A 225 -5.39 18.43 -13.58
N SER A 226 -6.67 18.22 -13.82
CA SER A 226 -7.22 16.89 -14.06
C SER A 226 -8.32 17.05 -15.10
N THR A 227 -8.26 16.26 -16.17
CA THR A 227 -9.28 16.35 -17.21
C THR A 227 -10.13 15.10 -17.23
N TRP A 228 -11.42 15.27 -16.99
CA TRP A 228 -12.37 14.17 -16.99
C TRP A 228 -13.07 14.07 -18.32
N SER A 229 -13.22 12.84 -18.81
CA SER A 229 -13.90 12.58 -20.07
C SER A 229 -14.76 11.34 -19.85
N GLU A 230 -15.13 10.68 -20.93
CA GLU A 230 -15.93 9.47 -20.83
C GLU A 230 -14.99 8.27 -20.74
N GLY A 231 -15.05 7.57 -19.61
CA GLY A 231 -14.19 6.41 -19.43
C GLY A 231 -12.74 6.76 -19.17
N HIS A 232 -12.44 8.05 -19.04
CA HIS A 232 -11.06 8.47 -18.79
C HIS A 232 -10.94 9.70 -17.93
N VAL A 233 -9.79 9.80 -17.27
CA VAL A 233 -9.46 10.96 -16.49
C VAL A 233 -7.95 11.03 -16.47
N THR A 234 -7.43 12.22 -16.69
CA THR A 234 -6.01 12.43 -16.69
C THR A 234 -5.66 13.33 -15.52
N THR A 235 -4.69 12.91 -14.73
CA THR A 235 -4.26 13.72 -13.61
C THR A 235 -2.91 14.30 -14.01
N THR A 236 -2.63 15.50 -13.55
CA THR A 236 -1.34 16.13 -13.82
C THR A 236 -0.91 16.76 -12.51
N SER A 237 0.30 16.47 -12.09
CA SER A 237 0.81 17.00 -10.84
C SER A 237 2.25 17.51 -10.96
N THR A 238 2.46 18.73 -10.50
CA THR A 238 3.79 19.33 -10.52
C THR A 238 4.14 19.70 -9.08
N ARG A 239 5.39 19.42 -8.70
CA ARG A 239 5.88 19.73 -7.36
C ARG A 239 7.32 20.19 -7.48
N THR A 240 7.79 20.88 -6.44
CA THR A 240 9.17 21.33 -6.38
C THR A 240 9.90 20.37 -5.46
N TRP A 241 11.06 19.93 -5.89
CA TRP A 241 11.86 19.00 -5.10
C TRP A 241 13.21 19.60 -4.74
N VAL A 242 13.83 19.05 -3.70
CA VAL A 242 15.16 19.46 -3.29
C VAL A 242 15.97 18.18 -3.10
N LEU A 243 17.13 18.12 -3.74
CA LEU A 243 18.00 16.96 -3.66
C LEU A 243 19.33 17.26 -3.01
N PRO A 244 19.57 16.69 -1.82
CA PRO A 244 20.86 16.96 -1.18
C PRO A 244 21.88 15.92 -1.65
N THR A 245 23.11 16.07 -1.21
CA THR A 245 24.14 15.10 -1.52
C THR A 245 23.97 14.06 -0.42
N TYR A 246 23.75 12.81 -0.81
CA TYR A 246 23.58 11.73 0.17
C TYR A 246 24.87 10.94 0.35
N ASN A 247 25.04 10.37 1.55
CA ASN A 247 26.22 9.56 1.86
C ASN A 247 27.55 10.21 1.53
N ASN A 248 27.53 11.53 1.36
CA ASN A 248 28.75 12.24 1.00
C ASN A 248 29.35 11.64 -0.27
N HIS A 249 28.48 11.35 -1.25
CA HIS A 249 28.86 10.78 -2.53
C HIS A 249 29.28 9.31 -2.50
N LEU A 250 29.16 8.65 -1.36
CA LEU A 250 29.58 7.26 -1.22
C LEU A 250 28.50 6.18 -1.18
N TYR A 251 28.93 4.94 -1.34
CA TYR A 251 28.06 3.76 -1.25
C TYR A 251 28.47 3.13 0.07
N LYS A 252 27.53 2.93 0.97
CA LYS A 252 27.87 2.32 2.24
C LYS A 252 27.19 0.97 2.37
N ARG A 253 27.95 -0.03 2.80
CA ARG A 253 27.42 -1.35 2.99
C ARG A 253 26.67 -1.37 4.31
N LEU A 254 25.38 -1.66 4.25
CA LEU A 254 24.51 -1.71 5.42
C LEU A 254 24.38 -3.12 5.96
N GLY A 255 23.96 -3.23 7.22
CA GLY A 255 23.80 -4.55 7.82
C GLY A 255 23.77 -4.50 9.32
N GLU A 256 22.90 -5.33 9.91
CA GLU A 256 22.78 -5.39 11.36
C GLU A 256 22.09 -6.67 11.80
N SER A 257 22.70 -7.37 12.75
CA SER A 257 22.13 -8.62 13.27
C SER A 257 21.10 -8.29 14.34
N LEU A 258 19.83 -8.52 14.03
CA LEU A 258 18.75 -8.20 14.94
C LEU A 258 17.65 -9.27 14.95
N GLN A 259 18.06 -10.53 14.98
CA GLN A 259 17.11 -11.64 14.98
C GLN A 259 16.16 -11.56 13.78
N SER A 260 14.86 -11.45 14.03
CA SER A 260 13.92 -11.36 12.92
C SER A 260 14.01 -10.04 12.16
N ASN A 261 14.75 -9.07 12.71
CA ASN A 261 14.91 -7.77 12.06
C ASN A 261 16.24 -7.67 11.32
N THR A 262 17.01 -8.74 11.35
CA THR A 262 18.32 -8.80 10.68
C THR A 262 18.20 -8.39 9.21
N TYR A 263 19.14 -7.58 8.74
CA TYR A 263 19.12 -7.15 7.35
C TYR A 263 20.51 -6.73 6.90
N ASN A 264 20.69 -6.67 5.59
CA ASN A 264 21.94 -6.23 5.00
C ASN A 264 21.59 -5.57 3.67
N GLY A 265 22.50 -4.75 3.16
CA GLY A 265 22.26 -4.08 1.90
C GLY A 265 23.20 -2.93 1.68
N PHE A 266 22.78 -1.95 0.89
CA PHE A 266 23.58 -0.78 0.62
C PHE A 266 22.78 0.48 0.53
N SER A 267 23.38 1.56 0.98
CA SER A 267 22.75 2.85 0.86
C SER A 267 23.56 3.42 -0.31
N THR A 268 22.90 4.12 -1.21
CA THR A 268 23.60 4.67 -2.35
C THR A 268 23.59 6.19 -2.23
N PRO A 269 24.42 6.85 -3.05
CA PRO A 269 24.43 8.32 -2.97
C PRO A 269 23.30 8.90 -3.83
N TRP A 270 22.51 8.01 -4.44
CA TRP A 270 21.41 8.43 -5.29
C TRP A 270 20.08 8.64 -4.58
N GLY A 271 19.27 9.48 -5.19
CA GLY A 271 17.94 9.74 -4.70
C GLY A 271 17.02 9.17 -5.77
N TYR A 272 15.73 9.12 -5.51
CA TYR A 272 14.79 8.60 -6.51
C TYR A 272 13.42 9.23 -6.33
N PHE A 273 12.65 9.20 -7.41
CA PHE A 273 11.31 9.74 -7.40
C PHE A 273 10.25 8.69 -7.19
N ASP A 274 9.32 9.01 -6.30
CA ASP A 274 8.24 8.11 -5.96
C ASP A 274 6.90 8.80 -6.24
N PHE A 275 6.06 8.17 -7.05
CA PHE A 275 4.75 8.71 -7.38
C PHE A 275 3.69 7.69 -6.96
N ASN A 276 4.08 6.75 -6.11
CA ASN A 276 3.19 5.67 -5.71
C ASN A 276 2.18 5.84 -4.57
N ARG A 277 1.37 6.89 -4.67
CA ARG A 277 0.30 7.18 -3.72
C ARG A 277 -0.76 7.94 -4.49
N PHE A 278 -2.02 7.59 -4.27
CA PHE A 278 -3.12 8.23 -4.99
C PHE A 278 -3.22 9.75 -4.79
N HIS A 279 -3.00 10.22 -3.56
CA HIS A 279 -3.10 11.67 -3.31
C HIS A 279 -1.99 12.52 -3.97
N CYS A 280 -1.07 11.88 -4.67
CA CYS A 280 -0.03 12.59 -5.39
C CYS A 280 -0.65 13.07 -6.70
N HIS A 281 -1.68 12.36 -7.13
CA HIS A 281 -2.33 12.63 -8.40
C HIS A 281 -3.74 13.19 -8.35
N PHE A 282 -4.45 12.88 -7.27
CA PHE A 282 -5.83 13.34 -7.15
C PHE A 282 -6.00 14.33 -6.03
N SER A 283 -6.79 15.36 -6.26
CA SER A 283 -7.10 16.30 -5.20
C SER A 283 -8.25 15.56 -4.49
N PRO A 284 -8.62 15.97 -3.27
CA PRO A 284 -9.70 15.29 -2.55
C PRO A 284 -11.02 15.36 -3.32
N ARG A 285 -11.32 16.52 -3.91
CA ARG A 285 -12.52 16.68 -4.71
C ARG A 285 -12.51 15.76 -5.93
N ASP A 286 -11.34 15.60 -6.56
CA ASP A 286 -11.23 14.72 -7.71
C ASP A 286 -11.44 13.26 -7.30
N TRP A 287 -10.98 12.91 -6.12
CA TRP A 287 -11.12 11.56 -5.61
C TRP A 287 -12.62 11.28 -5.41
N GLN A 288 -13.34 12.28 -4.89
CA GLN A 288 -14.78 12.19 -4.66
C GLN A 288 -15.53 12.03 -6.00
N ARG A 289 -15.11 12.77 -7.03
CA ARG A 289 -15.74 12.66 -8.34
C ARG A 289 -15.55 11.22 -8.84
N LEU A 290 -14.37 10.69 -8.59
CA LEU A 290 -14.04 9.33 -9.00
C LEU A 290 -14.86 8.25 -8.31
N ILE A 291 -14.82 8.22 -6.98
CA ILE A 291 -15.49 7.18 -6.22
C ILE A 291 -17.03 7.21 -6.14
N ASN A 292 -17.64 8.37 -6.33
CA ASN A 292 -19.09 8.45 -6.26
C ASN A 292 -19.79 8.11 -7.57
N ASN A 293 -19.01 8.05 -8.64
CA ASN A 293 -19.59 7.81 -9.95
C ASN A 293 -19.07 6.65 -10.74
N ASN A 294 -18.04 5.98 -10.24
CA ASN A 294 -17.46 4.90 -11.01
C ASN A 294 -17.35 3.60 -10.26
N TRP A 295 -17.51 2.50 -10.98
CA TRP A 295 -17.40 1.17 -10.40
C TRP A 295 -15.97 0.66 -10.51
N GLY A 296 -15.22 1.17 -11.47
CA GLY A 296 -13.86 0.70 -11.63
C GLY A 296 -12.88 1.69 -12.18
N MET A 297 -11.61 1.49 -11.85
CA MET A 297 -10.56 2.35 -12.35
C MET A 297 -9.24 1.62 -12.41
N ARG A 298 -8.39 2.03 -13.33
CA ARG A 298 -7.07 1.46 -13.47
C ARG A 298 -6.18 2.44 -14.21
N PRO A 299 -4.87 2.40 -13.92
CA PRO A 299 -3.96 3.31 -14.60
C PRO A 299 -3.73 2.84 -16.04
N LYS A 300 -3.54 3.78 -16.95
CA LYS A 300 -3.33 3.44 -18.34
C LYS A 300 -1.95 3.86 -18.84
N ALA A 301 -1.59 5.12 -18.63
CA ALA A 301 -0.30 5.64 -19.07
C ALA A 301 0.26 6.64 -18.09
N MET A 302 1.55 6.90 -18.21
CA MET A 302 2.22 7.82 -17.33
C MET A 302 3.33 8.60 -18.03
N ARG A 303 3.45 9.87 -17.71
CA ARG A 303 4.50 10.69 -18.27
C ARG A 303 5.13 11.49 -17.14
N VAL A 304 6.44 11.48 -17.07
CA VAL A 304 7.15 12.21 -16.03
C VAL A 304 8.17 13.19 -16.61
N LYS A 305 8.22 14.38 -16.05
CA LYS A 305 9.18 15.39 -16.48
C LYS A 305 9.89 15.98 -15.29
N ILE A 306 11.20 16.15 -15.42
CA ILE A 306 12.01 16.76 -14.38
C ILE A 306 12.70 17.91 -15.12
N PHE A 307 12.43 19.14 -14.66
CA PHE A 307 12.96 20.33 -15.31
C PHE A 307 13.26 21.44 -14.33
N ASN A 308 13.66 22.59 -14.88
CA ASN A 308 14.04 23.77 -14.10
C ASN A 308 15.03 23.40 -13.01
N ILE A 309 16.06 22.66 -13.41
CA ILE A 309 17.12 22.21 -12.53
C ILE A 309 17.98 23.40 -12.08
N GLN A 310 18.27 23.46 -10.79
CA GLN A 310 19.12 24.50 -10.25
C GLN A 310 20.08 23.86 -9.27
N VAL A 311 21.37 23.94 -9.58
CA VAL A 311 22.38 23.39 -8.70
C VAL A 311 22.95 24.53 -7.87
N LYS A 312 22.88 24.37 -6.55
CA LYS A 312 23.36 25.37 -5.63
C LYS A 312 24.66 24.94 -4.97
N GLU A 313 25.55 25.90 -4.76
CA GLU A 313 26.85 25.64 -4.13
C GLU A 313 26.79 26.28 -2.74
N VAL A 314 27.10 25.50 -1.72
CA VAL A 314 27.05 26.01 -0.36
C VAL A 314 28.45 26.29 0.20
N THR A 315 28.62 27.48 0.77
CA THR A 315 29.90 27.88 1.35
C THR A 315 29.69 28.37 2.79
N THR A 316 30.57 27.94 3.68
CA THR A 316 30.48 28.32 5.09
C THR A 316 31.54 29.37 5.43
N SER A 317 31.17 30.31 6.30
CA SER A 317 32.08 31.37 6.72
C SER A 317 32.04 31.56 8.23
N ASN A 318 32.63 32.65 8.70
CA ASN A 318 32.67 32.96 10.13
C ASN A 318 31.27 33.03 10.74
N GLY A 319 30.34 33.63 10.01
CA GLY A 319 28.98 33.76 10.51
C GLY A 319 28.03 32.70 10.00
N GLU A 320 27.15 33.09 9.09
CA GLU A 320 26.17 32.17 8.51
C GLU A 320 26.70 31.59 7.20
N THR A 321 25.99 30.60 6.67
CA THR A 321 26.38 29.97 5.41
C THR A 321 25.69 30.65 4.25
N THR A 322 26.36 30.70 3.10
CA THR A 322 25.81 31.33 1.91
C THR A 322 25.64 30.36 0.74
N VAL A 323 24.54 30.51 0.01
CA VAL A 323 24.26 29.68 -1.15
C VAL A 323 24.43 30.48 -2.43
N ALA A 324 24.91 29.82 -3.49
CA ALA A 324 25.11 30.48 -4.77
C ALA A 324 24.89 29.50 -5.92
N ASN A 325 24.43 30.01 -7.05
CA ASN A 325 24.18 29.16 -8.21
C ASN A 325 25.46 28.68 -8.84
N ASN A 326 25.47 27.40 -9.20
CA ASN A 326 26.61 26.81 -9.86
C ASN A 326 26.06 26.41 -11.21
N LEU A 327 26.19 27.31 -12.17
CA LEU A 327 25.66 27.12 -13.52
C LEU A 327 26.26 26.00 -14.36
N THR A 328 27.47 25.55 -14.01
CA THR A 328 28.10 24.50 -14.80
C THR A 328 27.99 23.10 -14.20
N SER A 329 27.46 22.99 -12.98
CA SER A 329 27.31 21.69 -12.35
C SER A 329 26.12 20.92 -12.93
N THR A 330 26.19 19.59 -12.87
CA THR A 330 25.13 18.75 -13.39
C THR A 330 24.52 17.85 -12.32
N VAL A 331 23.42 17.20 -12.69
CA VAL A 331 22.78 16.20 -11.86
C VAL A 331 22.63 15.07 -12.86
N GLN A 332 22.65 13.84 -12.37
CA GLN A 332 22.50 12.70 -13.25
C GLN A 332 21.13 12.07 -13.04
N ILE A 333 20.51 11.67 -14.13
CA ILE A 333 19.19 11.07 -14.06
C ILE A 333 19.02 9.90 -15.02
N PHE A 334 18.51 8.79 -14.50
CA PHE A 334 18.20 7.66 -15.36
C PHE A 334 17.05 6.88 -14.79
N ALA A 335 16.28 6.26 -15.68
CA ALA A 335 15.16 5.44 -15.27
C ALA A 335 15.59 3.99 -15.41
N ASP A 336 15.33 3.18 -14.39
CA ASP A 336 15.67 1.77 -14.45
C ASP A 336 14.53 1.08 -15.20
N SER A 337 14.46 1.38 -16.49
CA SER A 337 13.42 0.87 -17.37
C SER A 337 13.47 -0.63 -17.67
N SER A 338 14.59 -1.27 -17.39
CA SER A 338 14.72 -2.71 -17.61
C SER A 338 14.61 -3.51 -16.32
N TYR A 339 14.35 -2.81 -15.22
CA TYR A 339 14.19 -3.42 -13.91
C TYR A 339 15.41 -4.25 -13.48
N GLU A 340 16.58 -3.66 -13.62
CA GLU A 340 17.83 -4.33 -13.27
C GLU A 340 18.24 -4.05 -11.84
N LEU A 341 17.54 -3.14 -11.18
CA LEU A 341 17.83 -2.76 -9.81
C LEU A 341 16.71 -3.14 -8.87
N PRO A 342 17.04 -3.40 -7.59
CA PRO A 342 16.00 -3.75 -6.61
C PRO A 342 14.93 -2.66 -6.61
N TYR A 343 13.67 -3.05 -6.76
CA TYR A 343 12.56 -2.12 -6.78
C TYR A 343 12.07 -1.84 -5.37
N VAL A 344 12.04 -0.57 -4.96
CA VAL A 344 11.61 -0.22 -3.61
C VAL A 344 10.49 0.82 -3.55
N MET A 345 9.99 1.22 -4.72
CA MET A 345 8.93 2.21 -4.79
C MET A 345 7.56 1.65 -4.37
N ASP A 346 7.50 0.33 -4.15
CA ASP A 346 6.26 -0.33 -3.78
C ASP A 346 6.34 -1.02 -2.42
N ALA A 347 6.91 -0.35 -1.43
CA ALA A 347 7.05 -0.95 -0.12
C ALA A 347 6.29 -0.18 0.98
N GLY A 348 5.31 0.62 0.55
CA GLY A 348 4.51 1.41 1.47
C GLY A 348 5.34 2.42 2.26
N GLN A 349 6.36 2.97 1.62
CA GLN A 349 7.25 3.91 2.28
C GLN A 349 7.13 5.36 1.84
N GLU A 350 7.63 6.25 2.70
CA GLU A 350 7.60 7.69 2.44
C GLU A 350 8.49 8.07 1.26
N GLY A 351 8.38 9.31 0.83
CA GLY A 351 9.20 9.78 -0.27
C GLY A 351 8.43 10.13 -1.52
N SER A 352 7.13 9.88 -1.52
CA SER A 352 6.32 10.21 -2.69
C SER A 352 6.04 11.70 -2.71
N LEU A 353 5.53 12.20 -3.84
CA LEU A 353 5.22 13.61 -3.96
C LEU A 353 4.19 13.92 -2.88
N PRO A 354 4.35 15.06 -2.19
CA PRO A 354 3.39 15.41 -1.13
C PRO A 354 2.00 15.65 -1.74
N PRO A 355 0.92 15.34 -0.98
CA PRO A 355 -0.43 15.53 -1.50
C PRO A 355 -0.78 16.96 -1.90
N PHE A 356 -0.24 17.92 -1.16
CA PHE A 356 -0.51 19.32 -1.43
C PHE A 356 0.43 19.92 -2.48
N PRO A 357 -0.14 20.45 -3.58
CA PRO A 357 0.60 21.06 -4.69
C PRO A 357 1.62 22.14 -4.31
N ASN A 358 1.38 22.83 -3.21
CA ASN A 358 2.26 23.89 -2.78
C ASN A 358 3.44 23.40 -1.93
N ASP A 359 3.40 22.15 -1.51
CA ASP A 359 4.49 21.62 -0.68
C ASP A 359 5.74 21.23 -1.47
N VAL A 360 6.89 21.57 -0.88
CA VAL A 360 8.18 21.26 -1.48
C VAL A 360 8.73 20.06 -0.73
N PHE A 361 9.13 19.03 -1.45
CA PHE A 361 9.64 17.85 -0.79
C PHE A 361 11.08 17.51 -1.09
N MET A 362 11.63 16.70 -0.20
CA MET A 362 12.98 16.22 -0.29
C MET A 362 12.99 14.87 -1.02
N VAL A 363 13.84 14.75 -2.02
CA VAL A 363 13.97 13.50 -2.78
C VAL A 363 14.57 12.45 -1.85
N PRO A 364 13.89 11.31 -1.66
CA PRO A 364 14.38 10.23 -0.79
C PRO A 364 15.65 9.54 -1.28
N GLN A 365 16.49 9.11 -0.35
CA GLN A 365 17.72 8.42 -0.69
C GLN A 365 17.48 6.95 -1.04
N TYR A 366 18.05 6.50 -2.14
CA TYR A 366 17.91 5.12 -2.57
C TYR A 366 18.83 4.17 -1.83
N GLY A 367 18.25 3.09 -1.34
CA GLY A 367 18.98 2.08 -0.63
C GLY A 367 18.24 0.78 -0.88
N TYR A 368 18.95 -0.35 -0.82
CA TYR A 368 18.27 -1.62 -1.04
C TYR A 368 18.75 -2.68 -0.10
N CYS A 369 17.92 -3.70 0.08
CA CYS A 369 18.24 -4.81 0.96
C CYS A 369 18.73 -5.97 0.13
N GLY A 370 19.61 -6.76 0.73
CA GLY A 370 20.11 -7.93 0.04
C GLY A 370 19.56 -9.15 0.71
N LEU A 371 19.97 -10.32 0.20
CA LEU A 371 19.53 -11.59 0.74
C LEU A 371 20.01 -11.79 2.18
N VAL A 372 19.08 -12.10 3.06
CA VAL A 372 19.43 -12.36 4.45
C VAL A 372 19.40 -13.88 4.61
N THR A 373 20.48 -14.43 5.13
CA THR A 373 20.56 -15.86 5.33
C THR A 373 20.45 -16.19 6.81
N GLY A 374 19.49 -17.04 7.15
CA GLY A 374 19.29 -17.41 8.54
C GLY A 374 18.49 -16.34 9.25
N ASN A 375 18.51 -16.38 10.59
CA ASN A 375 17.76 -15.40 11.36
C ASN A 375 18.54 -14.86 12.55
N THR A 376 19.85 -14.70 12.38
CA THR A 376 20.70 -14.18 13.45
C THR A 376 21.87 -13.32 12.99
N SER A 377 22.38 -13.58 11.79
CA SER A 377 23.52 -12.83 11.28
C SER A 377 23.23 -12.05 10.01
N GLN A 378 23.82 -10.86 9.92
CA GLN A 378 23.63 -10.00 8.75
C GLN A 378 24.65 -10.34 7.66
N GLN A 379 25.60 -11.20 7.99
CA GLN A 379 26.65 -11.61 7.05
C GLN A 379 26.12 -11.97 5.67
N GLN A 380 26.82 -11.48 4.65
CA GLN A 380 26.42 -11.75 3.28
C GLN A 380 27.16 -12.99 2.78
N THR A 381 26.57 -13.65 1.80
CA THR A 381 27.17 -14.83 1.20
C THR A 381 27.54 -14.48 -0.23
N ASP A 382 28.06 -15.45 -0.97
CA ASP A 382 28.45 -15.22 -2.35
C ASP A 382 27.26 -14.89 -3.23
N ARG A 383 26.06 -15.21 -2.75
CA ARG A 383 24.85 -14.92 -3.51
C ARG A 383 24.45 -13.46 -3.43
N ASN A 384 24.94 -12.75 -2.43
CA ASN A 384 24.59 -11.34 -2.29
C ASN A 384 25.11 -10.49 -3.42
N ALA A 385 24.27 -9.58 -3.89
CA ALA A 385 24.64 -8.73 -4.98
C ALA A 385 24.90 -7.30 -4.57
N PHE A 386 25.80 -6.68 -5.32
CA PHE A 386 26.07 -5.29 -5.10
C PHE A 386 25.79 -4.63 -6.44
N TYR A 387 25.03 -3.55 -6.41
CA TYR A 387 24.70 -2.82 -7.62
C TYR A 387 25.26 -1.42 -7.56
N CYS A 388 26.04 -1.07 -8.56
CA CYS A 388 26.61 0.26 -8.66
C CYS A 388 25.75 1.00 -9.67
N LEU A 389 25.13 2.10 -9.26
CA LEU A 389 24.29 2.84 -10.20
C LEU A 389 25.05 3.67 -11.22
N GLU A 390 26.32 3.98 -10.96
CA GLU A 390 27.13 4.73 -11.92
C GLU A 390 27.42 3.80 -13.09
N TYR A 391 27.20 2.52 -12.84
CA TYR A 391 27.43 1.50 -13.84
C TYR A 391 26.31 1.47 -14.89
N PHE A 392 25.38 2.40 -14.80
CA PHE A 392 24.28 2.51 -15.74
C PHE A 392 24.47 3.79 -16.55
N PRO A 393 23.89 3.86 -17.74
CA PRO A 393 24.03 5.07 -18.56
C PRO A 393 23.04 6.09 -17.98
N SER A 394 23.43 7.35 -17.84
CA SER A 394 22.51 8.33 -17.32
C SER A 394 22.67 9.67 -18.04
N GLN A 395 21.58 10.43 -18.06
CA GLN A 395 21.60 11.74 -18.68
C GLN A 395 22.23 12.70 -17.68
N MET A 396 23.05 13.62 -18.16
CA MET A 396 23.66 14.61 -17.28
C MET A 396 22.99 15.92 -17.61
N LEU A 397 22.45 16.57 -16.59
CA LEU A 397 21.74 17.81 -16.81
C LEU A 397 22.28 19.03 -16.11
N ARG A 398 22.45 20.10 -16.89
CA ARG A 398 22.88 21.38 -16.34
C ARG A 398 21.56 22.17 -16.21
N THR A 399 21.63 23.37 -15.63
CA THR A 399 20.46 24.21 -15.41
C THR A 399 19.50 24.41 -16.59
N GLY A 400 19.98 24.28 -17.83
CA GLY A 400 19.08 24.46 -18.96
C GLY A 400 18.40 23.20 -19.47
N ASN A 401 18.87 22.04 -19.06
CA ASN A 401 18.35 20.75 -19.52
C ASN A 401 17.17 20.19 -18.73
N ASN A 402 16.39 19.36 -19.39
CA ASN A 402 15.27 18.72 -18.72
C ASN A 402 15.26 17.23 -19.07
N PHE A 403 14.49 16.47 -18.31
CA PHE A 403 14.40 15.04 -18.48
C PHE A 403 12.96 14.60 -18.60
N GLU A 404 12.67 13.73 -19.54
CA GLU A 404 11.31 13.26 -19.72
C GLU A 404 11.28 11.75 -19.94
N ILE A 405 10.18 11.12 -19.55
CA ILE A 405 9.99 9.70 -19.75
C ILE A 405 8.51 9.33 -19.80
N THR A 406 8.15 8.48 -20.76
CA THR A 406 6.77 8.02 -20.94
C THR A 406 6.72 6.54 -20.55
N TYR A 407 5.55 6.10 -20.08
CA TYR A 407 5.37 4.73 -19.64
C TYR A 407 3.94 4.28 -19.88
N SER A 408 3.76 3.02 -20.26
CA SER A 408 2.42 2.49 -20.46
C SER A 408 2.23 1.38 -19.45
N PHE A 409 1.04 1.30 -18.89
CA PHE A 409 0.72 0.24 -17.95
C PHE A 409 0.23 -0.97 -18.71
N GLU A 410 0.58 -2.14 -18.22
CA GLU A 410 0.12 -3.38 -18.83
C GLU A 410 -1.37 -3.45 -18.49
N LYS A 411 -2.14 -4.27 -19.20
CA LYS A 411 -3.55 -4.39 -18.90
C LYS A 411 -3.67 -5.05 -17.54
N VAL A 412 -4.37 -4.40 -16.63
CA VAL A 412 -4.56 -4.90 -15.28
C VAL A 412 -6.07 -4.86 -15.05
N PRO A 413 -6.59 -5.66 -14.12
CA PRO A 413 -8.05 -5.60 -13.93
C PRO A 413 -8.44 -4.28 -13.26
N PHE A 414 -9.68 -3.85 -13.46
CA PHE A 414 -10.17 -2.64 -12.81
C PHE A 414 -10.26 -2.88 -11.33
N HIS A 415 -9.92 -1.88 -10.54
CA HIS A 415 -10.08 -2.03 -9.11
C HIS A 415 -11.60 -1.94 -8.92
N SER A 416 -12.15 -2.73 -8.03
CA SER A 416 -13.59 -2.70 -7.79
C SER A 416 -13.94 -1.61 -6.78
N MET A 417 -14.54 -0.54 -7.28
CA MET A 417 -14.91 0.59 -6.43
C MET A 417 -16.36 0.52 -5.98
N TYR A 418 -16.74 -0.62 -5.41
CA TYR A 418 -18.11 -0.80 -4.96
C TYR A 418 -18.14 -1.83 -3.85
N ALA A 419 -19.14 -1.71 -3.00
CA ALA A 419 -19.34 -2.66 -1.92
C ALA A 419 -20.44 -3.54 -2.48
N HIS A 420 -20.51 -4.78 -2.05
CA HIS A 420 -21.56 -5.67 -2.53
C HIS A 420 -22.87 -5.49 -1.77
N SER A 421 -23.97 -5.43 -2.51
CA SER A 421 -25.28 -5.27 -1.88
C SER A 421 -26.00 -6.60 -1.73
N GLN A 422 -25.23 -7.69 -1.84
CA GLN A 422 -25.74 -9.05 -1.67
C GLN A 422 -24.70 -9.84 -0.89
N SER A 423 -25.16 -10.82 -0.14
CA SER A 423 -24.27 -11.69 0.64
C SER A 423 -24.06 -12.97 -0.14
N LEU A 424 -22.87 -13.54 -0.06
CA LEU A 424 -22.58 -14.78 -0.79
C LEU A 424 -23.46 -15.96 -0.37
N ASP A 425 -23.92 -15.97 0.88
CA ASP A 425 -24.77 -17.06 1.36
C ASP A 425 -26.27 -16.77 1.20
N ARG A 426 -26.60 -15.72 0.44
CA ARG A 426 -27.98 -15.34 0.20
C ARG A 426 -28.21 -15.01 -1.28
N LEU A 427 -27.77 -15.89 -2.16
CA LEU A 427 -27.95 -15.65 -3.58
C LEU A 427 -29.15 -16.37 -4.15
N MET A 428 -29.96 -16.97 -3.28
CA MET A 428 -31.14 -17.69 -3.74
C MET A 428 -32.41 -16.84 -3.71
N ASN A 429 -33.45 -17.36 -4.35
CA ASN A 429 -34.77 -16.73 -4.38
C ASN A 429 -35.33 -17.13 -3.01
N PRO A 430 -35.56 -16.16 -2.12
CA PRO A 430 -36.10 -16.46 -0.78
C PRO A 430 -37.53 -17.00 -0.72
N LEU A 431 -38.17 -17.12 -1.88
CA LEU A 431 -39.55 -17.59 -1.95
C LEU A 431 -39.69 -19.04 -2.41
N ILE A 432 -38.63 -19.61 -2.97
CA ILE A 432 -38.69 -20.95 -3.51
C ILE A 432 -37.88 -22.01 -2.77
N ASP A 433 -38.39 -23.25 -2.75
CA ASP A 433 -37.69 -24.35 -2.09
C ASP A 433 -36.64 -24.89 -3.06
N GLN A 434 -35.69 -25.66 -2.54
CA GLN A 434 -34.69 -26.29 -3.39
C GLN A 434 -35.24 -27.67 -3.72
N TYR A 435 -34.80 -28.25 -4.82
CA TYR A 435 -35.24 -29.58 -5.17
C TYR A 435 -34.23 -30.56 -4.59
N LEU A 436 -33.34 -30.03 -3.76
CA LEU A 436 -32.31 -30.81 -3.09
C LEU A 436 -32.72 -31.05 -1.65
N TRP A 437 -32.36 -32.21 -1.14
CA TRP A 437 -32.69 -32.60 0.22
C TRP A 437 -31.44 -32.67 1.07
N GLY A 438 -31.62 -32.62 2.37
CA GLY A 438 -30.50 -32.71 3.28
C GLY A 438 -30.93 -33.23 4.62
N LEU A 439 -29.96 -33.72 5.39
CA LEU A 439 -30.25 -34.24 6.72
C LEU A 439 -30.57 -33.05 7.63
N GLN A 440 -31.67 -33.15 8.36
CA GLN A 440 -32.07 -32.07 9.26
C GLN A 440 -31.65 -32.32 10.69
N SER A 441 -31.72 -33.58 11.11
CA SER A 441 -31.34 -33.98 12.46
C SER A 441 -31.20 -35.50 12.54
N THR A 442 -30.67 -35.99 13.65
CA THR A 442 -30.49 -37.42 13.85
C THR A 442 -31.22 -37.91 15.09
N THR A 443 -32.16 -37.10 15.56
CA THR A 443 -32.94 -37.46 16.73
C THR A 443 -34.19 -36.58 16.81
N THR A 444 -35.14 -36.98 17.65
CA THR A 444 -36.36 -36.21 17.85
C THR A 444 -36.20 -35.36 19.10
N GLY A 445 -36.69 -34.13 19.05
CA GLY A 445 -36.57 -33.25 20.20
C GLY A 445 -35.69 -32.04 19.97
N THR A 446 -35.22 -31.44 21.06
CA THR A 446 -34.38 -30.25 20.96
C THR A 446 -33.13 -30.40 21.84
N THR A 447 -32.98 -31.57 22.46
CA THR A 447 -31.84 -31.83 23.33
C THR A 447 -30.81 -32.76 22.70
N LEU A 448 -29.54 -32.48 22.96
CA LEU A 448 -28.44 -33.29 22.44
C LEU A 448 -28.32 -34.58 23.25
N ASN A 449 -27.96 -35.67 22.57
CA ASN A 449 -27.80 -36.98 23.22
C ASN A 449 -29.09 -37.41 23.91
N ALA A 450 -30.23 -36.93 23.39
CA ALA A 450 -31.53 -37.27 23.95
C ALA A 450 -32.53 -37.47 22.82
N GLY A 451 -33.67 -38.08 23.14
CA GLY A 451 -34.69 -38.32 22.13
C GLY A 451 -34.55 -39.69 21.47
N THR A 452 -35.26 -39.89 20.38
CA THR A 452 -35.23 -41.16 19.66
C THR A 452 -34.38 -41.03 18.39
N ALA A 453 -33.39 -41.90 18.25
CA ALA A 453 -32.53 -41.87 17.07
C ALA A 453 -33.36 -42.03 15.81
N THR A 454 -33.20 -41.11 14.87
CA THR A 454 -33.95 -41.13 13.63
C THR A 454 -33.34 -40.19 12.60
N THR A 455 -33.07 -40.69 11.41
CA THR A 455 -32.48 -39.86 10.35
C THR A 455 -33.56 -38.98 9.72
N ASN A 456 -33.72 -37.78 10.27
CA ASN A 456 -34.72 -36.85 9.77
C ASN A 456 -34.20 -36.04 8.57
N PHE A 457 -34.78 -36.29 7.41
CA PHE A 457 -34.39 -35.58 6.21
C PHE A 457 -35.44 -34.54 5.87
N THR A 458 -35.03 -33.54 5.10
CA THR A 458 -35.96 -32.50 4.73
C THR A 458 -35.60 -31.87 3.40
N LYS A 459 -36.64 -31.40 2.70
CA LYS A 459 -36.46 -30.72 1.45
C LYS A 459 -35.96 -29.35 1.94
N LEU A 460 -34.93 -28.81 1.32
CA LEU A 460 -34.41 -27.53 1.76
C LEU A 460 -35.27 -26.38 1.26
N ARG A 461 -35.96 -25.75 2.20
CA ARG A 461 -36.87 -24.66 1.88
C ARG A 461 -36.69 -23.41 2.75
N PRO A 462 -37.20 -22.27 2.27
CA PRO A 462 -37.15 -20.95 2.92
C PRO A 462 -37.18 -20.87 4.44
N THR A 463 -36.25 -20.05 4.94
CA THR A 463 -36.04 -19.77 6.35
C THR A 463 -35.08 -20.80 6.96
N ASN A 464 -34.41 -21.53 6.08
CA ASN A 464 -33.42 -22.53 6.48
C ASN A 464 -32.29 -22.34 5.47
N PHE A 465 -32.09 -21.07 5.14
CA PHE A 465 -31.08 -20.65 4.17
C PHE A 465 -29.66 -21.08 4.51
N SER A 466 -29.38 -21.23 5.80
CA SER A 466 -28.06 -21.65 6.27
C SER A 466 -27.74 -23.07 5.81
N ASN A 467 -28.76 -23.86 5.51
CA ASN A 467 -28.56 -25.23 5.08
C ASN A 467 -28.76 -25.47 3.59
N PHE A 468 -29.06 -24.42 2.84
CA PHE A 468 -29.24 -24.54 1.40
C PHE A 468 -27.96 -25.02 0.75
N LYS A 469 -28.09 -25.78 -0.34
CA LYS A 469 -26.92 -26.24 -1.06
C LYS A 469 -26.45 -25.02 -1.84
N LYS A 470 -25.15 -24.73 -1.78
CA LYS A 470 -24.64 -23.55 -2.46
C LYS A 470 -23.53 -23.88 -3.45
N ASN A 471 -23.37 -23.02 -4.45
CA ASN A 471 -22.35 -23.23 -5.46
C ASN A 471 -21.00 -22.63 -5.12
N TRP A 472 -20.98 -21.62 -4.24
CA TRP A 472 -19.74 -20.93 -3.93
C TRP A 472 -19.41 -20.76 -2.47
N LEU A 473 -18.11 -20.63 -2.19
CA LEU A 473 -17.61 -20.47 -0.84
C LEU A 473 -16.86 -19.17 -0.62
N PRO A 474 -16.80 -18.71 0.64
CA PRO A 474 -16.08 -17.47 0.97
C PRO A 474 -14.61 -17.72 0.66
N GLY A 475 -13.88 -16.67 0.29
CA GLY A 475 -12.47 -16.83 -0.03
C GLY A 475 -11.54 -17.29 1.08
N PRO A 476 -10.27 -17.55 0.76
CA PRO A 476 -9.25 -17.99 1.72
C PRO A 476 -9.12 -17.02 2.89
N SER A 477 -8.58 -17.49 4.00
CA SER A 477 -8.42 -16.63 5.16
C SER A 477 -7.43 -17.17 6.18
N ILE A 478 -6.85 -16.25 6.95
CA ILE A 478 -5.92 -16.61 8.00
C ILE A 478 -6.31 -15.74 9.18
N LYS A 479 -6.61 -16.37 10.30
CA LYS A 479 -7.00 -15.65 11.50
C LYS A 479 -5.95 -14.69 12.02
N GLN A 480 -6.38 -13.46 12.30
CA GLN A 480 -5.52 -12.42 12.84
C GLN A 480 -5.95 -12.24 14.30
N GLN A 481 -5.10 -11.60 15.09
CA GLN A 481 -5.40 -11.36 16.49
C GLN A 481 -6.12 -10.02 16.63
N GLY A 482 -7.18 -9.99 17.44
CA GLY A 482 -7.91 -8.75 17.63
C GLY A 482 -7.53 -8.03 18.90
N PHE A 483 -7.27 -6.73 18.79
CA PHE A 483 -6.90 -5.91 19.94
C PHE A 483 -7.88 -4.77 20.10
N SER A 484 -8.13 -4.38 21.35
CA SER A 484 -9.05 -3.30 21.66
C SER A 484 -8.35 -1.95 21.64
N LYS A 485 -9.07 -0.91 21.22
CA LYS A 485 -8.52 0.44 21.20
C LYS A 485 -8.52 0.93 22.64
N THR A 486 -9.25 0.21 23.49
CA THR A 486 -9.33 0.53 24.91
C THR A 486 -8.21 -0.27 25.58
N ALA A 487 -7.21 0.43 26.08
CA ALA A 487 -6.04 -0.18 26.72
C ALA A 487 -6.29 -1.35 27.67
N ASN A 488 -7.04 -1.11 28.75
CA ASN A 488 -7.32 -2.15 29.74
C ASN A 488 -8.10 -3.37 29.25
N GLN A 489 -8.46 -3.38 27.97
CA GLN A 489 -9.20 -4.52 27.41
C GLN A 489 -8.27 -5.52 26.72
N ASN A 490 -6.98 -5.23 26.71
CA ASN A 490 -6.00 -6.12 26.09
C ASN A 490 -5.10 -6.77 27.12
N TYR A 491 -4.49 -7.89 26.74
CA TYR A 491 -3.56 -8.59 27.62
C TYR A 491 -2.27 -7.78 27.52
N LYS A 492 -1.49 -7.73 28.59
CA LYS A 492 -0.25 -6.97 28.60
C LYS A 492 0.88 -7.69 27.88
N ILE A 493 1.20 -7.23 26.67
CA ILE A 493 2.26 -7.83 25.86
C ILE A 493 3.28 -6.76 25.49
N PRO A 494 4.55 -6.93 25.91
CA PRO A 494 5.63 -5.99 25.63
C PRO A 494 6.05 -5.92 24.17
N ALA A 495 6.77 -4.87 23.81
CA ALA A 495 7.23 -4.67 22.44
C ALA A 495 8.46 -5.51 22.12
N THR A 496 9.30 -5.73 23.13
CA THR A 496 10.52 -6.51 22.95
C THR A 496 10.61 -7.68 23.93
N GLY A 497 11.60 -8.54 23.70
CA GLY A 497 11.80 -9.69 24.57
C GLY A 497 11.36 -10.99 23.92
N SER A 498 11.34 -12.06 24.72
CA SER A 498 10.93 -13.37 24.23
C SER A 498 9.42 -13.43 24.05
N ASP A 499 8.71 -12.53 24.73
CA ASP A 499 7.25 -12.48 24.66
C ASP A 499 6.76 -11.22 23.97
N SER A 500 7.52 -10.73 22.99
CA SER A 500 7.13 -9.53 22.27
C SER A 500 5.81 -9.76 21.52
N LEU A 501 5.22 -8.68 21.01
CA LEU A 501 3.96 -8.76 20.31
C LEU A 501 4.00 -9.60 19.02
N ILE A 502 5.10 -9.50 18.27
CA ILE A 502 5.24 -10.26 17.02
C ILE A 502 4.94 -11.74 17.24
N LYS A 503 5.21 -12.23 18.45
CA LYS A 503 4.97 -13.62 18.81
C LYS A 503 3.49 -13.99 18.85
N TYR A 504 2.67 -13.11 19.42
CA TYR A 504 1.25 -13.35 19.55
C TYR A 504 0.41 -12.85 18.38
N GLU A 505 1.09 -12.29 17.39
CA GLU A 505 0.43 -11.81 16.18
C GLU A 505 0.66 -12.85 15.09
N THR A 506 -0.33 -13.03 14.23
CA THR A 506 -0.20 -13.98 13.14
C THR A 506 1.02 -13.56 12.33
N HIS A 507 1.94 -14.48 12.10
CA HIS A 507 3.14 -14.18 11.34
C HIS A 507 3.60 -15.34 10.48
N SER A 508 4.24 -15.03 9.35
CA SER A 508 4.77 -16.05 8.47
C SER A 508 6.22 -16.20 8.89
N THR A 509 6.82 -17.33 8.55
CA THR A 509 8.22 -17.58 8.88
C THR A 509 9.02 -17.86 7.63
N LEU A 510 9.97 -16.99 7.32
CA LEU A 510 10.79 -17.16 6.14
C LEU A 510 12.24 -17.28 6.58
N ASP A 511 12.80 -18.47 6.38
CA ASP A 511 14.19 -18.76 6.75
C ASP A 511 14.42 -18.51 8.25
N GLY A 512 13.44 -18.87 9.06
CA GLY A 512 13.56 -18.69 10.50
C GLY A 512 13.18 -17.33 11.06
N ARG A 513 13.07 -16.32 10.19
CA ARG A 513 12.70 -14.98 10.63
C ARG A 513 11.19 -14.76 10.62
N TRP A 514 10.67 -14.12 11.65
CA TRP A 514 9.25 -13.83 11.71
C TRP A 514 8.90 -12.56 10.95
N SER A 515 7.77 -12.59 10.27
CA SER A 515 7.29 -11.44 9.52
C SER A 515 5.80 -11.36 9.80
N ALA A 516 5.39 -10.36 10.55
CA ALA A 516 3.99 -10.18 10.90
C ALA A 516 3.09 -10.23 9.68
N LEU A 517 2.00 -10.98 9.77
CA LEU A 517 1.07 -11.08 8.66
C LEU A 517 0.30 -9.75 8.60
N THR A 518 0.75 -8.82 7.78
CA THR A 518 0.08 -7.53 7.70
C THR A 518 0.41 -6.74 6.43
N PRO A 519 -0.62 -6.22 5.76
CA PRO A 519 -2.02 -6.37 6.19
C PRO A 519 -2.58 -7.79 6.07
N GLY A 520 -1.96 -8.60 5.22
CA GLY A 520 -2.37 -9.98 5.03
C GLY A 520 -3.44 -10.15 3.94
N PRO A 521 -3.94 -11.38 3.73
CA PRO A 521 -4.96 -11.63 2.71
C PRO A 521 -6.28 -10.86 2.92
N PRO A 522 -6.93 -10.43 1.83
CA PRO A 522 -8.19 -9.68 1.96
C PRO A 522 -9.27 -10.36 2.79
N MET A 523 -9.59 -9.75 3.93
CA MET A 523 -10.61 -10.27 4.83
C MET A 523 -11.48 -9.15 5.37
N ALA A 524 -12.67 -9.52 5.82
CA ALA A 524 -13.59 -8.55 6.41
C ALA A 524 -12.98 -8.18 7.75
N THR A 525 -12.91 -6.89 8.04
CA THR A 525 -12.35 -6.43 9.31
C THR A 525 -13.44 -5.74 10.13
N ALA A 526 -13.03 -5.06 11.19
CA ALA A 526 -13.96 -4.34 12.03
C ALA A 526 -14.20 -2.97 11.41
N GLY A 527 -15.34 -2.36 11.71
CA GLY A 527 -15.62 -1.04 11.18
C GLY A 527 -14.52 -0.09 11.62
N PRO A 528 -14.26 0.98 10.86
CA PRO A 528 -13.21 1.94 11.21
C PRO A 528 -13.39 2.64 12.55
N ALA A 529 -14.62 2.62 13.07
CA ALA A 529 -14.92 3.27 14.34
C ALA A 529 -15.16 2.29 15.48
N ASP A 530 -15.02 1.00 15.20
CA ASP A 530 -15.22 -0.01 16.24
C ASP A 530 -14.13 0.07 17.30
N SER A 531 -14.38 -0.55 18.45
CA SER A 531 -13.43 -0.54 19.55
C SER A 531 -12.29 -1.53 19.36
N LYS A 532 -12.34 -2.30 18.29
CA LYS A 532 -11.29 -3.28 18.01
C LYS A 532 -10.69 -3.15 16.62
N PHE A 533 -9.47 -3.66 16.48
CA PHE A 533 -8.75 -3.62 15.22
C PHE A 533 -7.79 -4.80 15.16
N SER A 534 -7.13 -4.95 14.01
CA SER A 534 -6.16 -6.01 13.83
C SER A 534 -5.13 -5.59 12.79
N ASN A 535 -4.16 -6.47 12.55
CA ASN A 535 -3.12 -6.19 11.57
C ASN A 535 -3.64 -6.20 10.13
N SER A 536 -4.91 -6.57 9.96
CA SER A 536 -5.49 -6.60 8.62
C SER A 536 -5.88 -5.19 8.18
N GLN A 537 -5.88 -4.25 9.13
CA GLN A 537 -6.27 -2.87 8.87
C GLN A 537 -5.09 -1.91 8.68
N LEU A 538 -5.16 -1.10 7.64
CA LEU A 538 -4.13 -0.11 7.38
C LEU A 538 -4.38 1.08 8.31
N ILE A 539 -3.32 1.53 8.98
CA ILE A 539 -3.44 2.67 9.87
C ILE A 539 -2.54 3.80 9.38
N PHE A 540 -3.12 4.98 9.24
CA PHE A 540 -2.36 6.14 8.81
C PHE A 540 -2.29 7.12 9.96
N ALA A 541 -1.34 8.04 9.89
CA ALA A 541 -1.20 9.05 10.93
C ALA A 541 -2.36 10.02 10.73
N GLY A 542 -3.01 10.39 11.83
CA GLY A 542 -4.11 11.33 11.74
C GLY A 542 -3.58 12.72 11.43
N PRO A 543 -4.47 13.72 11.26
CA PRO A 543 -4.07 15.09 10.95
C PRO A 543 -3.20 15.81 12.01
N LYS A 544 -3.30 15.39 13.27
CA LYS A 544 -2.52 16.02 14.33
C LYS A 544 -1.36 15.14 14.82
N GLN A 545 -1.02 14.12 14.04
CA GLN A 545 0.05 13.22 14.42
C GLN A 545 1.34 13.55 13.68
N ASN A 546 2.30 14.14 14.40
CA ASN A 546 3.58 14.52 13.81
C ASN A 546 4.72 13.61 14.26
N GLY A 547 4.57 13.00 15.43
CA GLY A 547 5.61 12.11 15.93
C GLY A 547 5.55 10.75 15.26
N ASN A 548 6.32 9.79 15.76
CA ASN A 548 6.32 8.46 15.17
C ASN A 548 5.81 7.38 16.12
N THR A 549 5.22 7.81 17.23
CA THR A 549 4.65 6.90 18.22
C THR A 549 3.40 7.55 18.79
N ALA A 550 2.47 6.73 19.27
CA ALA A 550 1.22 7.24 19.83
C ALA A 550 0.61 6.23 20.79
N THR A 551 -0.05 6.72 21.84
CA THR A 551 -0.69 5.86 22.81
C THR A 551 -2.20 6.06 22.74
N VAL A 552 -2.61 7.09 21.99
CA VAL A 552 -4.01 7.41 21.82
C VAL A 552 -4.42 7.13 20.37
N PRO A 553 -5.22 6.08 20.15
CA PRO A 553 -5.67 5.72 18.80
C PRO A 553 -6.44 6.81 18.06
N GLY A 554 -7.01 7.76 18.81
CA GLY A 554 -7.76 8.84 18.21
C GLY A 554 -6.92 9.75 17.33
N THR A 555 -5.61 9.73 17.51
CA THR A 555 -4.72 10.57 16.71
C THR A 555 -4.35 9.88 15.41
N LEU A 556 -4.83 8.65 15.24
CA LEU A 556 -4.55 7.88 14.04
C LEU A 556 -5.81 7.63 13.23
N ILE A 557 -5.62 7.30 11.96
CA ILE A 557 -6.74 7.02 11.07
C ILE A 557 -6.80 5.53 10.75
N PHE A 558 -7.87 4.88 11.19
CA PHE A 558 -8.05 3.45 10.93
C PHE A 558 -8.88 3.22 9.69
N THR A 559 -8.41 2.37 8.79
CA THR A 559 -9.17 2.04 7.60
C THR A 559 -9.92 0.76 7.95
N SER A 560 -10.86 0.37 7.10
CA SER A 560 -11.64 -0.83 7.34
C SER A 560 -12.00 -1.55 6.04
N GLU A 561 -12.14 -2.87 6.14
CA GLU A 561 -12.51 -3.67 4.98
C GLU A 561 -13.80 -4.40 5.34
N GLU A 562 -14.66 -3.74 6.11
CA GLU A 562 -15.92 -4.32 6.55
C GLU A 562 -16.87 -4.66 5.39
N GLU A 563 -16.75 -3.92 4.28
CA GLU A 563 -17.60 -4.17 3.11
C GLU A 563 -17.32 -5.58 2.56
N LEU A 564 -16.16 -6.13 2.91
CA LEU A 564 -15.77 -7.46 2.45
C LEU A 564 -16.52 -8.60 3.12
N ALA A 565 -17.35 -8.28 4.12
CA ALA A 565 -18.11 -9.31 4.83
C ALA A 565 -19.17 -9.95 3.93
N ALA A 566 -19.34 -9.41 2.73
CA ALA A 566 -20.31 -9.94 1.79
C ALA A 566 -19.81 -11.22 1.10
N THR A 567 -18.48 -11.36 1.00
CA THR A 567 -17.89 -12.54 0.35
C THR A 567 -16.67 -13.11 1.05
N ASN A 568 -15.98 -12.28 1.83
CA ASN A 568 -14.77 -12.72 2.52
C ASN A 568 -15.04 -13.06 3.98
N ALA A 569 -14.21 -13.94 4.54
CA ALA A 569 -14.32 -14.35 5.93
C ALA A 569 -13.85 -13.20 6.81
N THR A 570 -14.19 -13.23 8.09
CA THR A 570 -13.79 -12.17 9.01
C THR A 570 -12.37 -12.46 9.54
N ASP A 571 -11.53 -11.43 9.51
CA ASP A 571 -10.13 -11.51 9.95
C ASP A 571 -9.86 -11.99 11.38
N THR A 572 -10.65 -11.55 12.34
CA THR A 572 -10.44 -11.95 13.73
C THR A 572 -11.28 -13.15 14.15
N ASP A 573 -12.04 -13.69 13.21
CA ASP A 573 -12.88 -14.84 13.51
C ASP A 573 -12.22 -16.12 12.99
N MET A 574 -12.91 -16.81 12.08
CA MET A 574 -12.38 -18.03 11.50
C MET A 574 -13.16 -18.27 10.22
N TRP A 575 -12.62 -19.10 9.34
CA TRP A 575 -13.30 -19.39 8.10
C TRP A 575 -14.54 -20.23 8.38
N GLY A 576 -14.45 -21.07 9.43
CA GLY A 576 -15.58 -21.92 9.79
C GLY A 576 -15.21 -23.00 10.79
N ASN A 577 -15.99 -24.08 10.78
CA ASN A 577 -15.75 -25.21 11.69
C ASN A 577 -15.88 -26.54 10.96
N LEU A 578 -15.25 -27.56 11.51
CA LEU A 578 -15.31 -28.89 10.93
C LEU A 578 -15.13 -29.92 12.04
N PRO A 579 -15.59 -31.16 11.81
CA PRO A 579 -15.48 -32.25 12.79
C PRO A 579 -14.05 -32.57 13.21
N GLY A 580 -13.87 -32.86 14.50
CA GLY A 580 -12.56 -33.22 15.00
C GLY A 580 -12.32 -34.70 14.81
N GLY A 581 -13.38 -35.42 14.44
CA GLY A 581 -13.28 -36.85 14.20
C GLY A 581 -14.56 -37.38 13.59
N ASP A 582 -14.77 -38.69 13.68
CA ASP A 582 -15.97 -39.31 13.13
C ASP A 582 -16.99 -39.58 14.23
N GLN A 583 -18.24 -39.17 14.01
CA GLN A 583 -19.30 -39.37 14.98
C GLN A 583 -19.93 -40.75 14.88
N SER A 584 -20.60 -41.15 15.96
CA SER A 584 -21.28 -42.44 16.03
C SER A 584 -22.27 -42.38 17.18
N ASN A 585 -22.99 -43.46 17.42
CA ASN A 585 -23.98 -43.51 18.49
C ASN A 585 -23.33 -43.40 19.87
N SER A 586 -22.00 -43.40 19.91
CA SER A 586 -21.29 -43.31 21.18
C SER A 586 -20.17 -42.27 21.20
N ASN A 587 -19.96 -41.58 20.09
CA ASN A 587 -18.90 -40.58 20.03
C ASN A 587 -19.29 -39.29 19.31
N LEU A 588 -19.28 -38.19 20.06
CA LEU A 588 -19.60 -36.88 19.51
C LEU A 588 -18.28 -36.14 19.34
N PRO A 589 -17.82 -35.99 18.10
CA PRO A 589 -16.55 -35.30 17.81
C PRO A 589 -16.53 -33.85 18.30
N THR A 590 -15.32 -33.36 18.57
CA THR A 590 -15.17 -31.99 19.02
C THR A 590 -15.35 -31.11 17.78
N VAL A 591 -15.77 -29.86 17.99
CA VAL A 591 -15.96 -28.95 16.86
C VAL A 591 -14.67 -28.17 16.66
N ASP A 592 -13.85 -28.61 15.72
CA ASP A 592 -12.59 -27.94 15.44
C ASP A 592 -12.77 -26.65 14.66
N ARG A 593 -11.87 -25.71 14.89
CA ARG A 593 -11.92 -24.42 14.23
C ARG A 593 -11.02 -24.37 13.00
N LEU A 594 -11.55 -23.80 11.93
CA LEU A 594 -10.80 -23.64 10.69
C LEU A 594 -10.28 -22.20 10.69
N THR A 595 -9.16 -21.99 11.38
CA THR A 595 -8.58 -20.66 11.51
C THR A 595 -7.77 -20.22 10.29
N ALA A 596 -7.35 -21.18 9.47
CA ALA A 596 -6.59 -20.85 8.27
C ALA A 596 -7.01 -21.83 7.17
N LEU A 597 -7.25 -21.29 5.97
CA LEU A 597 -7.65 -22.12 4.86
C LEU A 597 -7.26 -21.50 3.52
N GLY A 598 -6.56 -22.28 2.70
CA GLY A 598 -6.15 -21.80 1.40
C GLY A 598 -7.21 -22.00 0.33
N ALA A 599 -6.83 -21.72 -0.91
CA ALA A 599 -7.74 -21.83 -2.04
C ALA A 599 -8.38 -23.21 -2.19
N VAL A 600 -9.70 -23.22 -2.22
CA VAL A 600 -10.46 -24.44 -2.38
C VAL A 600 -11.37 -24.20 -3.59
N PRO A 601 -11.58 -25.23 -4.43
CA PRO A 601 -12.45 -25.02 -5.59
C PRO A 601 -13.81 -24.44 -5.20
N GLY A 602 -14.23 -23.39 -5.90
CA GLY A 602 -15.51 -22.76 -5.61
C GLY A 602 -15.44 -21.52 -4.73
N MET A 603 -14.24 -21.10 -4.32
CA MET A 603 -14.10 -19.90 -3.50
C MET A 603 -14.06 -18.65 -4.35
N VAL A 604 -14.59 -17.57 -3.78
CA VAL A 604 -14.60 -16.27 -4.44
C VAL A 604 -14.29 -15.28 -3.33
N TRP A 605 -13.77 -14.12 -3.69
CA TRP A 605 -13.43 -13.10 -2.71
C TRP A 605 -13.18 -11.77 -3.38
N GLN A 606 -13.22 -10.69 -2.60
CA GLN A 606 -12.96 -9.38 -3.12
C GLN A 606 -11.61 -8.93 -2.55
N ASN A 607 -10.82 -8.19 -3.33
CA ASN A 607 -9.52 -7.68 -2.87
C ASN A 607 -9.81 -6.54 -1.89
N ARG A 608 -8.79 -6.13 -1.14
CA ARG A 608 -9.00 -5.03 -0.22
C ARG A 608 -9.09 -3.74 -1.03
N ASP A 609 -9.60 -2.69 -0.41
CA ASP A 609 -9.79 -1.41 -1.07
C ASP A 609 -8.53 -0.55 -1.19
N ILE A 610 -8.53 0.35 -2.16
CA ILE A 610 -7.42 1.29 -2.34
C ILE A 610 -7.85 2.56 -1.61
N TYR A 611 -6.89 3.31 -1.10
CA TYR A 611 -7.21 4.54 -0.39
C TYR A 611 -6.61 5.75 -1.04
N TYR A 612 -7.23 6.89 -0.77
CA TYR A 612 -6.78 8.16 -1.28
C TYR A 612 -5.30 8.36 -0.92
N GLN A 613 -4.93 8.07 0.32
CA GLN A 613 -3.54 8.21 0.76
C GLN A 613 -2.77 6.88 0.75
N GLY A 614 -3.29 5.90 0.03
CA GLY A 614 -2.62 4.61 -0.05
C GLY A 614 -1.82 4.41 -1.32
N PRO A 615 -1.15 3.26 -1.46
CA PRO A 615 -0.33 2.96 -2.64
C PRO A 615 -1.14 2.64 -3.90
N ILE A 616 -0.54 2.88 -5.06
CA ILE A 616 -1.23 2.60 -6.30
C ILE A 616 -0.85 1.24 -6.89
N TRP A 617 0.45 0.99 -7.05
CA TRP A 617 0.90 -0.25 -7.63
C TRP A 617 1.96 -0.92 -6.77
N ALA A 618 2.27 -2.16 -7.12
CA ALA A 618 3.30 -2.94 -6.46
C ALA A 618 3.91 -3.78 -7.57
N LYS A 619 5.17 -4.16 -7.42
CA LYS A 619 5.78 -5.00 -8.44
C LYS A 619 5.55 -6.44 -8.02
N ILE A 620 4.94 -7.22 -8.90
CA ILE A 620 4.72 -8.63 -8.62
C ILE A 620 6.12 -9.23 -8.57
N PRO A 621 6.44 -9.97 -7.49
CA PRO A 621 7.75 -10.59 -7.35
C PRO A 621 8.15 -11.46 -8.53
N HIS A 622 9.42 -11.41 -8.89
CA HIS A 622 9.95 -12.18 -9.98
C HIS A 622 10.11 -13.63 -9.49
N THR A 623 9.05 -14.42 -9.60
CA THR A 623 9.07 -15.81 -9.15
C THR A 623 8.34 -16.73 -10.12
N ASP A 624 8.48 -18.03 -9.93
CA ASP A 624 7.82 -19.00 -10.80
C ASP A 624 6.32 -19.04 -10.54
N GLY A 625 5.94 -19.04 -9.27
CA GLY A 625 4.55 -19.09 -8.96
C GLY A 625 4.01 -18.03 -8.02
N HIS A 626 2.77 -17.65 -8.25
CA HIS A 626 2.09 -16.69 -7.41
C HIS A 626 0.61 -16.92 -7.51
N PHE A 627 -0.08 -16.74 -6.41
CA PHE A 627 -1.52 -16.93 -6.37
C PHE A 627 -2.21 -15.58 -6.23
N HIS A 628 -3.04 -15.23 -7.20
CA HIS A 628 -3.78 -13.96 -7.20
C HIS A 628 -2.84 -12.80 -6.85
N PRO A 629 -2.00 -12.38 -7.83
CA PRO A 629 -1.03 -11.30 -7.64
C PRO A 629 -1.59 -9.88 -7.46
N SER A 630 -2.42 -9.71 -6.43
CA SER A 630 -2.98 -8.41 -6.09
C SER A 630 -2.24 -8.07 -4.80
N PRO A 631 -1.39 -7.03 -4.82
CA PRO A 631 -0.62 -6.63 -3.63
C PRO A 631 -1.48 -6.49 -2.39
N LEU A 632 -1.04 -7.08 -1.29
CA LEU A 632 -1.83 -7.06 -0.06
C LEU A 632 -2.05 -5.72 0.62
N ILE A 633 -1.16 -4.77 0.40
CA ILE A 633 -1.36 -3.45 1.00
C ILE A 633 -2.43 -2.73 0.16
N GLY A 634 -2.70 -3.26 -1.03
CA GLY A 634 -3.71 -2.68 -1.89
C GLY A 634 -3.15 -2.09 -3.16
N GLY A 635 -3.93 -2.16 -4.23
CA GLY A 635 -3.48 -1.59 -5.48
C GLY A 635 -3.40 -2.55 -6.64
N PHE A 636 -2.57 -2.18 -7.60
CA PHE A 636 -2.40 -2.98 -8.80
C PHE A 636 -1.09 -3.72 -8.83
N GLY A 637 -1.17 -5.02 -9.07
CA GLY A 637 0.03 -5.83 -9.15
C GLY A 637 0.48 -5.74 -10.59
N LEU A 638 1.71 -5.31 -10.80
CA LEU A 638 2.24 -5.18 -12.15
C LEU A 638 3.54 -5.96 -12.27
N LYS A 639 3.76 -6.58 -13.43
CA LYS A 639 4.99 -7.30 -13.65
C LYS A 639 6.05 -6.25 -13.97
N HIS A 640 5.67 -5.27 -14.76
CA HIS A 640 6.56 -4.17 -15.17
C HIS A 640 5.95 -2.86 -14.72
N PRO A 641 6.14 -2.50 -13.44
CA PRO A 641 5.59 -1.26 -12.88
C PRO A 641 6.28 0.01 -13.39
N PRO A 642 5.75 1.19 -13.01
CA PRO A 642 6.38 2.44 -13.45
C PRO A 642 7.84 2.35 -13.00
N PRO A 643 8.78 2.60 -13.92
CA PRO A 643 10.21 2.53 -13.59
C PRO A 643 10.69 3.51 -12.54
N GLN A 644 11.67 3.09 -11.77
CA GLN A 644 12.28 3.94 -10.77
C GLN A 644 13.17 4.95 -11.50
N ILE A 645 13.04 6.21 -11.12
CA ILE A 645 13.83 7.27 -11.72
C ILE A 645 14.82 7.76 -10.67
N PHE A 646 16.10 7.61 -10.97
CA PHE A 646 17.17 8.01 -10.06
C PHE A 646 17.81 9.31 -10.41
N ILE A 647 18.17 10.06 -9.39
CA ILE A 647 18.77 11.35 -9.59
C ILE A 647 19.88 11.52 -8.57
N LYS A 648 20.95 12.18 -8.99
CA LYS A 648 22.08 12.41 -8.11
C LYS A 648 22.81 13.67 -8.53
N ASN A 649 23.36 14.37 -7.54
CA ASN A 649 24.15 15.57 -7.83
C ASN A 649 25.55 15.06 -8.20
N THR A 650 26.01 15.41 -9.39
CA THR A 650 27.34 14.98 -9.81
C THR A 650 28.37 15.61 -8.88
N PRO A 651 29.32 14.80 -8.37
CA PRO A 651 30.34 15.34 -7.46
C PRO A 651 31.29 16.33 -8.14
N VAL A 652 31.56 17.43 -7.45
CA VAL A 652 32.46 18.45 -7.95
C VAL A 652 33.64 18.51 -6.99
N PRO A 653 34.82 18.04 -7.44
CA PRO A 653 36.03 18.03 -6.61
C PRO A 653 36.41 19.42 -6.13
N ALA A 654 36.85 19.52 -4.88
CA ALA A 654 37.28 20.79 -4.32
C ALA A 654 38.73 21.01 -4.77
N ASN A 655 39.37 22.06 -4.28
CA ASN A 655 40.76 22.37 -4.65
C ASN A 655 41.71 21.19 -4.41
N PRO A 656 42.29 20.65 -5.48
CA PRO A 656 43.22 19.51 -5.40
C PRO A 656 44.65 19.89 -5.03
N ALA A 657 45.44 18.89 -4.68
CA ALA A 657 46.84 19.09 -4.35
C ALA A 657 47.53 19.32 -5.70
N THR A 658 48.71 19.93 -5.70
CA THR A 658 49.40 20.18 -6.96
C THR A 658 50.42 19.09 -7.28
N THR A 659 50.42 18.04 -6.47
CA THR A 659 51.30 16.90 -6.67
C THR A 659 50.37 15.71 -6.89
N PHE A 660 50.65 14.89 -7.90
CA PHE A 660 49.78 13.75 -8.17
C PHE A 660 49.69 12.73 -7.05
N SER A 661 48.49 12.21 -6.88
CA SER A 661 48.20 11.18 -5.88
C SER A 661 47.17 10.24 -6.50
N SER A 662 47.42 8.95 -6.42
CA SER A 662 46.50 7.97 -6.97
C SER A 662 45.30 7.72 -6.06
N THR A 663 45.35 8.27 -4.85
CA THR A 663 44.25 8.12 -3.90
C THR A 663 43.00 8.80 -4.45
N PRO A 664 41.84 8.12 -4.34
CA PRO A 664 40.58 8.70 -4.84
C PRO A 664 40.26 10.02 -4.13
N VAL A 665 39.82 11.00 -4.90
CA VAL A 665 39.45 12.30 -4.35
C VAL A 665 38.33 12.15 -3.32
N ASN A 666 38.47 12.83 -2.18
CA ASN A 666 37.47 12.77 -1.14
C ASN A 666 37.12 14.17 -0.62
N SER A 667 37.52 15.19 -1.39
CA SER A 667 37.23 16.57 -1.03
C SER A 667 36.33 17.14 -2.12
N PHE A 668 35.10 17.48 -1.75
CA PHE A 668 34.15 17.99 -2.71
C PHE A 668 33.51 19.28 -2.29
N ILE A 669 33.07 20.04 -3.28
CA ILE A 669 32.38 21.29 -3.03
C ILE A 669 30.99 20.87 -2.56
N THR A 670 30.48 21.52 -1.51
CA THR A 670 29.16 21.20 -1.01
C THR A 670 28.08 21.73 -1.95
N GLN A 671 27.19 20.85 -2.38
CA GLN A 671 26.13 21.25 -3.29
C GLN A 671 24.82 20.56 -2.98
N TYR A 672 23.78 20.99 -3.70
CA TYR A 672 22.46 20.41 -3.59
C TYR A 672 21.73 20.97 -4.79
N SER A 673 20.73 20.25 -5.27
CA SER A 673 19.99 20.74 -6.40
C SER A 673 18.52 20.84 -6.04
N THR A 674 17.78 21.45 -6.94
CA THR A 674 16.35 21.62 -6.77
C THR A 674 15.76 21.81 -8.16
N GLY A 675 14.49 21.48 -8.30
CA GLY A 675 13.84 21.65 -9.58
C GLY A 675 12.39 21.30 -9.44
N GLN A 676 11.74 21.08 -10.57
CA GLN A 676 10.35 20.70 -10.58
C GLN A 676 10.20 19.32 -11.18
N VAL A 677 9.11 18.66 -10.82
CA VAL A 677 8.81 17.36 -11.37
C VAL A 677 7.33 17.33 -11.70
N SER A 678 7.03 16.89 -12.90
CA SER A 678 5.66 16.76 -13.34
C SER A 678 5.35 15.29 -13.57
N VAL A 679 4.16 14.89 -13.18
CA VAL A 679 3.74 13.52 -13.38
C VAL A 679 2.31 13.56 -13.89
N GLN A 680 2.09 12.90 -15.02
CA GLN A 680 0.79 12.85 -15.62
C GLN A 680 0.35 11.40 -15.74
N ILE A 681 -0.82 11.07 -15.23
CA ILE A 681 -1.33 9.72 -15.36
C ILE A 681 -2.68 9.70 -16.04
N ASP A 682 -2.80 8.85 -17.04
CA ASP A 682 -4.06 8.67 -17.73
C ASP A 682 -4.70 7.48 -17.04
N TRP A 683 -5.94 7.65 -16.59
CA TRP A 683 -6.64 6.59 -15.90
C TRP A 683 -7.86 6.18 -16.69
N GLU A 684 -8.14 4.89 -16.71
CA GLU A 684 -9.31 4.41 -17.40
C GLU A 684 -10.33 4.19 -16.29
N ILE A 685 -11.55 4.67 -16.48
CA ILE A 685 -12.58 4.50 -15.48
C ILE A 685 -13.83 3.88 -16.08
N GLN A 686 -14.57 3.13 -15.27
CA GLN A 686 -15.81 2.56 -15.77
C GLN A 686 -16.97 3.03 -14.90
N LYS A 687 -17.84 3.83 -15.50
CA LYS A 687 -19.00 4.38 -14.82
C LYS A 687 -19.92 3.30 -14.30
N GLU A 688 -20.53 3.56 -13.15
CA GLU A 688 -21.48 2.60 -12.59
C GLU A 688 -22.70 2.64 -13.51
N ARG A 689 -23.29 1.47 -13.76
CA ARG A 689 -24.47 1.37 -14.61
C ARG A 689 -25.49 0.51 -13.87
N SER A 690 -25.88 0.97 -12.69
CA SER A 690 -26.81 0.25 -11.85
C SER A 690 -28.27 0.52 -12.18
N LYS A 691 -29.13 -0.45 -11.85
CA LYS A 691 -30.56 -0.32 -12.07
C LYS A 691 -31.24 -0.14 -10.73
N ARG A 692 -30.43 0.01 -9.70
CA ARG A 692 -30.91 0.21 -8.34
C ARG A 692 -31.84 1.43 -8.34
N TRP A 693 -32.97 1.31 -7.67
CA TRP A 693 -33.96 2.36 -7.60
C TRP A 693 -33.69 3.43 -6.54
N ASN A 694 -33.35 2.98 -5.34
CA ASN A 694 -33.09 3.87 -4.22
C ASN A 694 -31.70 4.52 -4.24
N PRO A 695 -31.53 5.65 -3.54
CA PRO A 695 -30.25 6.37 -3.49
C PRO A 695 -29.09 5.54 -2.94
N GLU A 696 -27.90 5.76 -3.51
CA GLU A 696 -26.69 5.08 -3.10
C GLU A 696 -25.98 5.89 -2.01
N VAL A 697 -24.99 5.27 -1.38
CA VAL A 697 -24.18 5.94 -0.38
C VAL A 697 -23.15 6.71 -1.20
N GLN A 698 -22.83 7.91 -0.75
CA GLN A 698 -21.88 8.75 -1.47
C GLN A 698 -20.89 9.36 -0.50
N PHE A 699 -19.63 9.48 -0.91
CA PHE A 699 -18.65 10.11 -0.04
C PHE A 699 -19.03 11.60 -0.07
N THR A 700 -19.29 12.16 1.11
CA THR A 700 -19.70 13.54 1.18
C THR A 700 -18.99 14.32 2.27
N SER A 701 -18.81 15.61 2.04
CA SER A 701 -18.21 16.49 3.03
C SER A 701 -19.31 16.72 4.06
N ASN A 702 -19.13 16.18 5.26
CA ASN A 702 -20.15 16.31 6.30
C ASN A 702 -19.52 16.51 7.67
N TYR A 703 -18.59 17.44 7.75
CA TYR A 703 -17.89 17.73 8.99
C TYR A 703 -18.60 18.80 9.82
N GLY A 704 -19.63 19.41 9.23
CA GLY A 704 -20.39 20.43 9.92
C GLY A 704 -19.62 21.72 10.10
N GLN A 705 -19.87 22.42 11.21
CA GLN A 705 -19.19 23.67 11.50
C GLN A 705 -17.75 23.40 11.92
N GLN A 706 -16.82 24.07 11.24
CA GLN A 706 -15.41 23.88 11.51
C GLN A 706 -14.70 25.23 11.60
N ASN A 707 -13.93 25.44 12.66
CA ASN A 707 -13.18 26.69 12.83
C ASN A 707 -12.27 26.88 11.62
N SER A 708 -11.73 25.76 11.14
CA SER A 708 -10.85 25.78 9.99
C SER A 708 -11.25 24.67 9.03
N LEU A 709 -11.70 25.06 7.85
CA LEU A 709 -12.12 24.15 6.79
C LEU A 709 -11.19 22.95 6.63
N LEU A 710 -11.73 21.72 6.68
CA LEU A 710 -10.91 20.52 6.52
C LEU A 710 -10.51 20.31 5.05
N TRP A 711 -9.42 19.58 4.84
CA TRP A 711 -8.90 19.33 3.50
C TRP A 711 -8.42 20.66 2.94
N ALA A 712 -7.98 21.53 3.84
CA ALA A 712 -7.48 22.84 3.46
C ALA A 712 -6.42 23.26 4.47
N PRO A 713 -5.47 24.11 4.04
CA PRO A 713 -4.42 24.56 4.96
C PRO A 713 -5.07 25.33 6.11
N ASP A 714 -4.52 25.19 7.31
CA ASP A 714 -5.08 25.90 8.45
C ASP A 714 -4.55 27.33 8.55
N ALA A 715 -4.86 28.00 9.66
CA ALA A 715 -4.44 29.38 9.87
C ALA A 715 -2.93 29.56 9.77
N ALA A 716 -2.17 28.55 10.17
CA ALA A 716 -0.71 28.62 10.10
C ALA A 716 -0.19 28.20 8.74
N GLY A 717 -1.09 27.72 7.89
CA GLY A 717 -0.68 27.31 6.55
C GLY A 717 -0.34 25.85 6.37
N LYS A 718 -0.55 25.05 7.41
CA LYS A 718 -0.25 23.62 7.33
C LYS A 718 -1.40 22.82 6.74
N TYR A 719 -1.08 21.98 5.77
CA TYR A 719 -2.08 21.14 5.12
C TYR A 719 -2.03 19.72 5.65
N THR A 720 -3.17 19.20 6.08
CA THR A 720 -3.23 17.84 6.60
C THR A 720 -4.46 17.12 6.07
N GLU A 721 -4.37 15.80 5.98
CA GLU A 721 -5.49 14.99 5.52
C GLU A 721 -6.19 14.50 6.79
N PRO A 722 -7.46 14.89 6.97
CA PRO A 722 -8.24 14.51 8.14
C PRO A 722 -8.84 13.10 8.21
N ARG A 723 -9.05 12.47 7.06
CA ARG A 723 -9.65 11.15 7.04
C ARG A 723 -9.10 10.30 5.91
N ALA A 724 -9.32 8.99 6.01
CA ALA A 724 -8.88 8.08 4.96
C ALA A 724 -10.12 7.93 4.08
N ILE A 725 -9.95 7.97 2.77
CA ILE A 725 -11.09 7.80 1.89
C ILE A 725 -10.87 6.59 0.99
N GLY A 726 -11.74 5.59 1.13
CA GLY A 726 -11.64 4.40 0.30
C GLY A 726 -12.34 4.68 -1.01
N THR A 727 -12.71 3.63 -1.73
CA THR A 727 -13.38 3.82 -3.00
C THR A 727 -14.69 3.09 -3.07
N ARG A 728 -15.15 2.53 -1.95
CA ARG A 728 -16.37 1.73 -1.99
C ARG A 728 -17.65 2.29 -1.39
N TYR A 729 -18.25 3.24 -2.08
CA TYR A 729 -19.49 3.85 -1.65
C TYR A 729 -20.63 3.31 -2.47
N LEU A 730 -20.41 3.19 -3.77
CA LEU A 730 -21.40 2.64 -4.66
C LEU A 730 -21.52 1.15 -4.37
N THR A 731 -22.63 0.55 -4.78
CA THR A 731 -22.83 -0.86 -4.55
C THR A 731 -23.04 -1.60 -5.85
N HIS A 732 -22.99 -2.92 -5.76
CA HIS A 732 -23.15 -3.78 -6.90
C HIS A 732 -23.64 -5.10 -6.32
N HIS A 733 -24.54 -5.77 -7.02
CA HIS A 733 -25.06 -7.05 -6.56
C HIS A 733 -24.03 -8.12 -6.98
N LEU A 734 -24.16 -9.32 -6.44
CA LEU A 734 -23.24 -10.39 -6.78
C LEU A 734 -23.54 -11.05 -8.11
#